data_4PCQ
#
_entry.id   4PCQ
#
_cell.length_a   99.739
_cell.length_b   146.099
_cell.length_c   49.961
_cell.angle_alpha   90.00
_cell.angle_beta   90.00
_cell.angle_gamma   90.00
#
_symmetry.space_group_name_H-M   'P 21 21 2'
#
loop_
_entity.id
_entity.type
_entity.pdbx_description
1 polymer 'Possible transcriptional regulatory protein (Probably Lrp/AsnC-family)'
2 water water
#
_entity_poly.entity_id   1
_entity_poly.type   'polypeptide(L)'
_entity_poly.pdbx_seq_one_letter_code
;MIILFRGHMRDNSTEHKTRRAASSKDVRPAELDEVDRRILSLLHGDARMPNNALADTVGIAPSTCHGRVRRLVDLGVIRG
FYTDIDPVAVGLPLQAMISVNLQSSARGKIRSFIQQIRRKRQVMDVYFLAGADDFILHVAARDTEDLRSFVVENLNADAD
VAGTQTSLIFEHLRGAAPIAAALGHHHHHH
;
_entity_poly.pdbx_strand_id   A,B,C,D
#
# COMPACT_ATOMS: atom_id res chain seq x y z
N GLU A 31 6.90 20.08 12.07
CA GLU A 31 7.31 20.48 13.41
C GLU A 31 8.82 20.37 13.58
N LEU A 32 9.55 20.33 12.47
CA LEU A 32 11.01 20.24 12.51
C LEU A 32 11.69 21.46 11.92
N ASP A 33 12.49 22.12 12.73
CA ASP A 33 13.28 23.26 12.27
C ASP A 33 14.61 22.77 11.70
N GLU A 34 15.24 23.60 10.88
CA GLU A 34 16.43 23.18 10.14
C GLU A 34 17.58 22.74 11.05
N VAL A 35 17.62 23.29 12.26
CA VAL A 35 18.63 22.88 13.22
C VAL A 35 18.43 21.40 13.58
N ASP A 36 17.17 21.02 13.81
CA ASP A 36 16.84 19.62 14.08
C ASP A 36 17.21 18.76 12.89
N ARG A 37 17.03 19.29 11.68
CA ARG A 37 17.34 18.55 10.47
C ARG A 37 18.84 18.27 10.35
N ARG A 38 19.66 19.28 10.64
CA ARG A 38 21.11 19.11 10.63
C ARG A 38 21.54 18.11 11.70
N ILE A 39 20.94 18.23 12.88
CA ILE A 39 21.23 17.31 13.98
C ILE A 39 20.92 15.87 13.59
N LEU A 40 19.75 15.66 13.01
CA LEU A 40 19.31 14.33 12.57
C LEU A 40 20.16 13.76 11.45
N SER A 41 20.59 14.60 10.52
CA SER A 41 21.42 14.15 9.41
C SER A 41 22.79 13.70 9.93
N LEU A 42 23.41 14.56 10.74
CA LEU A 42 24.71 14.26 11.29
C LEU A 42 24.66 13.02 12.18
N LEU A 43 23.57 12.85 12.93
CA LEU A 43 23.46 11.70 13.83
C LEU A 43 23.19 10.45 13.02
N HIS A 44 22.52 10.61 11.88
CA HIS A 44 22.30 9.50 10.97
C HIS A 44 23.63 8.98 10.48
N GLY A 45 24.52 9.91 10.11
CA GLY A 45 25.81 9.50 9.59
C GLY A 45 26.76 9.02 10.67
N ASP A 46 26.69 9.67 11.83
CA ASP A 46 27.50 9.26 12.97
C ASP A 46 26.64 9.13 14.23
N ALA A 47 26.05 7.96 14.44
CA ALA A 47 25.22 7.73 15.62
C ALA A 47 26.04 7.88 16.91
N ARG A 48 27.36 7.78 16.77
CA ARG A 48 28.26 7.76 17.91
C ARG A 48 28.91 9.11 18.11
N MET A 49 28.43 10.11 17.36
CA MET A 49 29.01 11.44 17.38
C MET A 49 28.86 12.12 18.74
N PRO A 50 29.99 12.50 19.35
CA PRO A 50 30.02 13.14 20.67
C PRO A 50 29.23 14.45 20.58
N ASN A 51 28.48 14.83 21.63
CA ASN A 51 27.61 16.02 21.59
C ASN A 51 28.39 17.34 21.40
N ASN A 52 29.62 17.41 21.89
CA ASN A 52 30.43 18.61 21.69
C ASN A 52 30.67 18.86 20.20
N ALA A 53 31.13 17.82 19.52
CA ALA A 53 31.38 17.90 18.09
C ALA A 53 30.10 18.18 17.30
N LEU A 54 29.00 17.58 17.74
CA LEU A 54 27.72 17.78 17.07
C LEU A 54 27.24 19.22 17.19
N ALA A 55 27.27 19.73 18.42
CA ALA A 55 26.84 21.09 18.73
C ALA A 55 27.73 22.10 18.00
N ASP A 56 29.02 21.79 17.91
CA ASP A 56 29.95 22.67 17.20
C ASP A 56 29.70 22.65 15.68
N THR A 57 29.51 21.47 15.12
CA THR A 57 29.24 21.33 13.69
C THR A 57 27.93 21.99 13.28
N VAL A 58 26.95 21.96 14.17
CA VAL A 58 25.64 22.56 13.88
C VAL A 58 25.70 24.06 14.13
N GLY A 59 26.64 24.49 14.96
CA GLY A 59 26.81 25.89 15.27
C GLY A 59 25.93 26.35 16.41
N ILE A 60 25.60 25.42 17.30
CA ILE A 60 24.79 25.72 18.46
C ILE A 60 25.57 25.46 19.73
N ALA A 61 24.98 25.79 20.88
CA ALA A 61 25.62 25.53 22.16
C ALA A 61 25.31 24.10 22.61
N PRO A 62 26.25 23.46 23.31
CA PRO A 62 26.09 22.08 23.77
C PRO A 62 24.81 21.85 24.56
N SER A 63 24.44 22.81 25.40
CA SER A 63 23.22 22.68 26.19
C SER A 63 21.97 22.63 25.31
N THR A 64 21.90 23.56 24.36
CA THR A 64 20.74 23.65 23.47
C THR A 64 20.69 22.44 22.55
N CYS A 65 21.86 21.95 22.14
CA CYS A 65 21.96 20.78 21.29
C CYS A 65 21.45 19.53 22.01
N HIS A 66 21.90 19.36 23.25
CA HIS A 66 21.46 18.23 24.06
C HIS A 66 19.96 18.29 24.30
N GLY A 67 19.44 19.48 24.59
CA GLY A 67 18.02 19.65 24.80
C GLY A 67 17.20 19.32 23.56
N ARG A 68 17.73 19.73 22.40
CA ARG A 68 17.06 19.47 21.14
C ARG A 68 17.01 17.96 20.85
N VAL A 69 18.12 17.28 21.11
CA VAL A 69 18.19 15.83 20.90
C VAL A 69 17.26 15.07 21.85
N ARG A 70 17.29 15.46 23.12
CA ARG A 70 16.39 14.87 24.11
C ARG A 70 14.94 15.08 23.70
N ARG A 71 14.64 16.26 23.18
CA ARG A 71 13.31 16.56 22.65
C ARG A 71 12.97 15.62 21.51
N LEU A 72 13.92 15.42 20.60
CA LEU A 72 13.71 14.56 19.44
C LEU A 72 13.43 13.12 19.84
N VAL A 73 14.16 12.62 20.84
CA VAL A 73 13.91 11.27 21.34
C VAL A 73 12.56 11.20 22.02
N ASP A 74 12.22 12.25 22.76
CA ASP A 74 10.96 12.32 23.50
C ASP A 74 9.74 12.32 22.59
N LEU A 75 9.82 13.09 21.51
CA LEU A 75 8.70 13.21 20.56
C LEU A 75 8.56 11.97 19.69
N GLY A 76 9.53 11.07 19.77
CA GLY A 76 9.51 9.85 18.98
C GLY A 76 10.11 10.03 17.61
N VAL A 77 10.66 11.21 17.34
CA VAL A 77 11.30 11.50 16.07
C VAL A 77 12.50 10.59 15.89
N ILE A 78 13.24 10.39 16.98
CA ILE A 78 14.26 9.35 17.04
C ILE A 78 13.72 8.23 17.91
N ARG A 79 13.50 7.07 17.31
CA ARG A 79 12.99 5.91 18.06
C ARG A 79 14.04 5.43 19.03
N GLY A 80 15.30 5.67 18.69
CA GLY A 80 16.41 5.30 19.53
C GLY A 80 17.71 5.25 18.75
N PHE A 81 18.80 4.94 19.45
CA PHE A 81 20.09 4.77 18.82
C PHE A 81 20.48 3.32 19.04
N TYR A 82 20.89 2.64 17.98
CA TYR A 82 21.16 1.21 18.07
C TYR A 82 22.50 0.79 17.49
N THR A 83 23.01 -0.32 18.03
CA THR A 83 24.23 -0.92 17.51
C THR A 83 23.81 -2.15 16.71
N ASP A 84 24.35 -2.29 15.51
CA ASP A 84 24.02 -3.42 14.66
C ASP A 84 24.96 -4.57 15.02
N ILE A 85 24.50 -5.45 15.88
CA ILE A 85 25.33 -6.51 16.42
C ILE A 85 25.29 -7.78 15.60
N ASP A 86 26.35 -7.99 14.81
CA ASP A 86 26.66 -9.28 14.20
C ASP A 86 25.59 -9.76 13.23
N PRO A 87 25.85 -10.90 12.56
CA PRO A 87 24.76 -11.56 11.85
C PRO A 87 23.76 -12.20 12.84
N VAL A 88 23.84 -11.77 14.10
CA VAL A 88 23.14 -12.39 15.22
C VAL A 88 23.74 -13.77 15.56
N ALA A 89 24.68 -14.21 14.72
CA ALA A 89 25.36 -15.49 14.90
C ALA A 89 26.06 -15.67 16.26
N VAL A 90 26.07 -14.61 17.07
CA VAL A 90 26.80 -14.62 18.34
C VAL A 90 25.94 -14.28 19.58
N GLY A 91 24.97 -15.13 19.92
CA GLY A 91 24.83 -16.44 19.32
C GLY A 91 23.37 -16.81 19.08
N LEU A 92 22.77 -16.15 18.10
CA LEU A 92 21.41 -16.41 17.70
C LEU A 92 21.41 -16.59 16.19
N PRO A 93 21.99 -17.70 15.74
CA PRO A 93 22.23 -17.84 14.30
C PRO A 93 20.98 -18.11 13.50
N LEU A 94 19.87 -18.42 14.16
CA LEU A 94 18.69 -18.79 13.39
C LEU A 94 17.68 -17.67 13.42
N GLN A 95 17.39 -17.08 12.26
CA GLN A 95 16.47 -15.96 12.20
C GLN A 95 15.25 -16.32 11.39
N ALA A 96 14.09 -15.79 11.75
CA ALA A 96 12.86 -16.12 11.03
C ALA A 96 11.88 -14.97 10.89
N MET A 97 10.97 -15.10 9.93
CA MET A 97 9.88 -14.18 9.70
C MET A 97 8.60 -14.98 9.91
N ILE A 98 7.81 -14.62 10.90
CA ILE A 98 6.59 -15.35 11.16
C ILE A 98 5.38 -14.45 10.89
N SER A 99 4.64 -14.73 9.82
CA SER A 99 3.45 -13.94 9.52
C SER A 99 2.27 -14.51 10.31
N VAL A 100 1.61 -13.67 11.11
CA VAL A 100 0.58 -14.15 12.02
C VAL A 100 -0.83 -13.67 11.66
N ASN A 101 -1.77 -14.61 11.58
CA ASN A 101 -3.18 -14.26 11.38
C ASN A 101 -4.00 -14.61 12.62
N LEU A 102 -4.77 -13.64 13.11
CA LEU A 102 -5.53 -13.82 14.33
C LEU A 102 -6.96 -14.21 13.96
N GLN A 103 -7.74 -14.62 14.95
CA GLN A 103 -9.17 -14.86 14.73
C GLN A 103 -9.92 -13.52 14.60
N SER A 104 -11.04 -13.54 13.88
CA SER A 104 -11.80 -12.32 13.60
C SER A 104 -12.30 -11.62 14.86
N SER A 105 -12.48 -12.39 15.93
CA SER A 105 -13.00 -11.85 17.19
C SER A 105 -11.86 -11.28 18.01
N ALA A 106 -10.66 -11.79 17.80
CA ALA A 106 -9.50 -11.37 18.58
C ALA A 106 -8.86 -10.10 18.05
N ARG A 107 -9.32 -9.64 16.88
CA ARG A 107 -8.72 -8.47 16.23
C ARG A 107 -8.80 -7.22 17.10
N GLY A 108 -9.88 -7.08 17.86
CA GLY A 108 -10.05 -5.94 18.74
C GLY A 108 -8.95 -5.85 19.78
N LYS A 109 -8.30 -6.98 20.04
CA LYS A 109 -7.27 -7.06 21.07
C LYS A 109 -5.86 -6.88 20.50
N ILE A 110 -5.78 -6.54 19.22
CA ILE A 110 -4.50 -6.51 18.50
C ILE A 110 -3.40 -5.69 19.21
N ARG A 111 -3.75 -4.48 19.62
CA ARG A 111 -2.81 -3.57 20.26
C ARG A 111 -2.19 -4.19 21.50
N SER A 112 -3.01 -4.93 22.25
CA SER A 112 -2.52 -5.59 23.44
C SER A 112 -1.57 -6.72 23.07
N PHE A 113 -1.96 -7.50 22.06
CA PHE A 113 -1.22 -8.70 21.70
C PHE A 113 0.23 -8.38 21.37
N ILE A 114 0.41 -7.34 20.56
CA ILE A 114 1.74 -6.89 20.19
C ILE A 114 2.53 -6.49 21.43
N GLN A 115 1.88 -5.77 22.33
CA GLN A 115 2.56 -5.20 23.49
C GLN A 115 3.30 -6.28 24.25
N GLN A 116 2.54 -7.19 24.85
CA GLN A 116 3.12 -8.32 25.56
C GLN A 116 4.13 -9.10 24.71
N ILE A 117 3.88 -9.20 23.41
CA ILE A 117 4.76 -10.03 22.60
C ILE A 117 6.06 -9.30 22.28
N ARG A 118 6.02 -7.96 22.30
CA ARG A 118 7.24 -7.18 22.07
C ARG A 118 8.22 -7.43 23.20
N ARG A 119 7.67 -7.76 24.36
CA ARG A 119 8.46 -8.03 25.56
C ARG A 119 9.20 -9.37 25.48
N LYS A 120 8.87 -10.17 24.47
CA LYS A 120 9.52 -11.46 24.29
C LYS A 120 10.93 -11.34 23.71
N ARG A 121 11.83 -12.16 24.25
CA ARG A 121 13.25 -12.14 23.90
C ARG A 121 13.52 -12.30 22.41
N GLN A 122 12.95 -13.34 21.82
CA GLN A 122 13.22 -13.70 20.44
C GLN A 122 12.79 -12.64 19.45
N VAL A 123 11.72 -11.92 19.76
CA VAL A 123 11.19 -10.88 18.86
C VAL A 123 12.14 -9.68 18.72
N MET A 124 12.49 -9.32 17.49
CA MET A 124 13.23 -8.07 17.26
C MET A 124 12.34 -7.04 16.61
N ASP A 125 11.61 -7.45 15.59
CA ASP A 125 10.80 -6.49 14.85
C ASP A 125 9.35 -6.93 14.70
N VAL A 126 8.45 -5.96 14.62
CA VAL A 126 7.05 -6.23 14.31
C VAL A 126 6.59 -5.34 13.15
N TYR A 127 6.06 -5.98 12.10
CA TYR A 127 5.56 -5.25 10.94
C TYR A 127 4.06 -5.44 10.81
N PHE A 128 3.33 -4.35 10.70
CA PHE A 128 1.90 -4.42 10.41
C PHE A 128 1.73 -4.13 8.93
N LEU A 129 1.02 -4.98 8.20
CA LEU A 129 0.90 -4.74 6.77
C LEU A 129 -0.52 -4.56 6.32
N ALA A 130 -0.64 -4.09 5.09
CA ALA A 130 -1.93 -3.92 4.45
C ALA A 130 -2.00 -5.00 3.40
N GLY A 131 -2.17 -6.23 3.88
CA GLY A 131 -2.25 -7.41 3.05
C GLY A 131 -3.07 -8.47 3.76
N ALA A 132 -2.81 -9.73 3.44
CA ALA A 132 -3.59 -10.83 4.01
C ALA A 132 -3.30 -11.06 5.49
N ASP A 133 -2.06 -10.80 5.90
CA ASP A 133 -1.64 -11.07 7.27
C ASP A 133 -1.83 -9.88 8.21
N ASP A 134 -2.17 -10.16 9.47
CA ASP A 134 -2.36 -9.10 10.47
C ASP A 134 -1.02 -8.46 10.86
N PHE A 135 0.01 -9.28 11.05
CA PHE A 135 1.35 -8.79 11.29
C PHE A 135 2.43 -9.84 11.05
N ILE A 136 3.67 -9.38 10.91
CA ILE A 136 4.82 -10.25 10.73
C ILE A 136 5.80 -10.01 11.88
N LEU A 137 6.39 -11.09 12.37
CA LEU A 137 7.33 -11.05 13.47
C LEU A 137 8.71 -11.40 12.97
N HIS A 138 9.64 -10.46 13.11
CA HIS A 138 11.04 -10.76 12.82
C HIS A 138 11.68 -11.21 14.13
N VAL A 139 12.11 -12.47 14.16
CA VAL A 139 12.64 -13.08 15.36
C VAL A 139 14.03 -13.68 15.19
N ALA A 140 14.75 -13.80 16.30
CA ALA A 140 16.06 -14.46 16.33
C ALA A 140 16.07 -15.53 17.43
N ALA A 141 16.68 -16.65 17.12
CA ALA A 141 16.78 -17.77 18.04
C ALA A 141 18.12 -18.50 17.97
N ARG A 142 18.39 -19.20 19.07
CA ARG A 142 19.61 -19.95 19.29
C ARG A 142 19.68 -21.20 18.42
N ASP A 143 18.61 -21.97 18.49
CA ASP A 143 18.50 -23.22 17.76
C ASP A 143 17.08 -23.44 17.31
N THR A 144 16.82 -24.60 16.72
CA THR A 144 15.49 -24.93 16.25
C THR A 144 14.56 -25.09 17.43
N GLU A 145 15.10 -25.57 18.55
CA GLU A 145 14.30 -25.81 19.75
C GLU A 145 13.85 -24.48 20.35
N ASP A 146 14.70 -23.47 20.27
CA ASP A 146 14.39 -22.15 20.80
C ASP A 146 13.26 -21.51 20.00
N LEU A 147 13.37 -21.60 18.67
CA LEU A 147 12.36 -21.06 17.77
C LEU A 147 11.03 -21.75 18.01
N ARG A 148 11.08 -23.08 18.04
CA ARG A 148 9.88 -23.87 18.24
C ARG A 148 9.24 -23.50 19.57
N SER A 149 10.07 -23.23 20.56
CA SER A 149 9.57 -22.86 21.89
C SER A 149 8.84 -21.53 21.80
N PHE A 150 9.42 -20.59 21.05
CA PHE A 150 8.76 -19.31 20.86
C PHE A 150 7.39 -19.46 20.20
N VAL A 151 7.34 -20.21 19.11
CA VAL A 151 6.10 -20.40 18.38
C VAL A 151 5.04 -21.09 19.24
N VAL A 152 5.41 -22.20 19.87
CA VAL A 152 4.49 -22.98 20.69
C VAL A 152 3.96 -22.20 21.89
N GLU A 153 4.85 -21.61 22.67
CA GLU A 153 4.41 -20.90 23.88
C GLU A 153 3.77 -19.52 23.63
N ASN A 154 4.23 -18.80 22.62
CA ASN A 154 3.73 -17.44 22.40
C ASN A 154 2.64 -17.31 21.35
N LEU A 155 2.61 -18.23 20.39
CA LEU A 155 1.62 -18.18 19.33
C LEU A 155 0.60 -19.31 19.43
N ASN A 156 1.07 -20.55 19.29
CA ASN A 156 0.18 -21.72 19.29
C ASN A 156 -0.72 -21.81 20.53
N ALA A 157 -0.27 -21.25 21.65
CA ALA A 157 -1.05 -21.29 22.87
C ALA A 157 -1.87 -20.02 23.09
N ASP A 158 -2.57 -19.58 22.05
CA ASP A 158 -3.43 -18.40 22.16
C ASP A 158 -4.53 -18.43 21.11
N ALA A 159 -5.37 -17.41 21.12
CA ALA A 159 -6.45 -17.25 20.15
C ALA A 159 -5.98 -16.52 18.90
N ASP A 160 -5.06 -17.13 18.15
CA ASP A 160 -4.70 -16.63 16.84
C ASP A 160 -4.83 -17.76 15.85
N VAL A 161 -5.43 -17.46 14.71
CA VAL A 161 -5.82 -18.49 13.76
C VAL A 161 -4.64 -19.34 13.31
N ALA A 162 -3.59 -18.69 12.80
CA ALA A 162 -2.44 -19.42 12.30
C ALA A 162 -1.21 -18.55 12.09
N GLY A 163 -0.11 -19.19 11.71
CA GLY A 163 1.11 -18.47 11.38
C GLY A 163 1.92 -19.20 10.33
N THR A 164 2.65 -18.43 9.53
CA THR A 164 3.54 -18.99 8.52
C THR A 164 4.95 -18.54 8.82
N GLN A 165 5.80 -19.50 9.19
CA GLN A 165 7.18 -19.18 9.49
C GLN A 165 8.05 -19.42 8.25
N THR A 166 8.85 -18.44 7.90
CA THR A 166 9.75 -18.55 6.75
C THR A 166 11.16 -18.22 7.23
N SER A 167 12.15 -18.90 6.65
CA SER A 167 13.53 -18.79 7.13
C SER A 167 14.22 -17.53 6.66
N LEU A 168 14.84 -16.84 7.62
CA LEU A 168 15.74 -15.74 7.33
C LEU A 168 17.16 -16.25 7.22
N ILE A 169 17.74 -15.99 6.08
CA ILE A 169 19.10 -16.41 5.78
C ILE A 169 20.14 -15.33 6.10
N PHE A 170 19.82 -14.08 5.81
CA PHE A 170 20.66 -12.94 6.19
C PHE A 170 19.80 -11.68 6.23
N GLU A 171 20.03 -10.79 7.18
CA GLU A 171 19.40 -9.48 7.07
C GLU A 171 20.45 -8.37 7.08
N HIS A 172 20.26 -7.37 6.23
CA HIS A 172 21.17 -6.22 6.18
C HIS A 172 20.49 -4.86 6.24
N LEU A 173 21.03 -3.98 7.10
CA LEU A 173 20.68 -2.55 7.11
C LEU A 173 21.02 -1.96 5.75
N ARG A 174 20.72 -0.68 5.57
CA ARG A 174 21.01 -0.02 4.29
C ARG A 174 21.92 1.19 4.49
N GLY A 175 22.99 1.23 3.70
CA GLY A 175 23.96 2.32 3.79
C GLY A 175 23.69 3.48 2.88
N ALA A 176 22.58 4.18 3.08
CA ALA A 176 22.31 5.35 2.26
C ALA A 176 22.25 6.61 3.11
N ALA A 177 22.90 7.67 2.62
CA ALA A 177 22.94 8.96 3.30
C ALA A 177 21.67 9.76 3.04
N PRO A 178 21.28 10.63 3.99
CA PRO A 178 20.08 11.46 3.80
C PRO A 178 20.40 12.76 3.06
N ARG B 28 31.00 -15.34 14.08
CA ARG B 28 31.83 -16.32 14.78
C ARG B 28 31.76 -16.10 16.29
N PRO B 29 31.08 -17.01 17.00
CA PRO B 29 30.88 -16.90 18.45
C PRO B 29 32.07 -17.43 19.23
N ALA B 30 31.94 -17.52 20.54
CA ALA B 30 32.95 -18.17 21.41
C ALA B 30 34.31 -17.46 21.48
N GLU B 31 34.58 -16.56 20.55
CA GLU B 31 35.76 -15.71 20.66
C GLU B 31 35.36 -14.38 21.26
N LEU B 32 34.56 -14.46 22.31
CA LEU B 32 34.05 -13.30 23.02
C LEU B 32 34.05 -13.64 24.51
N ASP B 33 34.77 -12.87 25.31
CA ASP B 33 34.76 -13.10 26.76
C ASP B 33 33.61 -12.39 27.45
N GLU B 34 33.56 -12.51 28.78
CA GLU B 34 32.48 -11.90 29.56
C GLU B 34 32.49 -10.39 29.40
N VAL B 35 33.68 -9.81 29.24
CA VAL B 35 33.83 -8.37 29.04
C VAL B 35 33.21 -7.97 27.69
N ASP B 36 33.52 -8.74 26.65
CA ASP B 36 32.97 -8.50 25.33
C ASP B 36 31.45 -8.62 25.37
N ARG B 37 30.97 -9.60 26.13
CA ARG B 37 29.54 -9.84 26.28
C ARG B 37 28.86 -8.65 26.94
N ARG B 38 29.39 -8.21 28.07
CA ARG B 38 28.85 -7.05 28.77
C ARG B 38 28.85 -5.82 27.87
N ILE B 39 29.92 -5.64 27.11
CA ILE B 39 30.02 -4.52 26.18
C ILE B 39 28.91 -4.55 25.13
N LEU B 40 28.73 -5.71 24.49
CA LEU B 40 27.70 -5.82 23.45
C LEU B 40 26.30 -5.65 24.02
N SER B 41 26.09 -6.17 25.23
CA SER B 41 24.79 -6.08 25.87
C SER B 41 24.45 -4.63 26.19
N LEU B 42 25.38 -3.93 26.80
CA LEU B 42 25.18 -2.52 27.16
C LEU B 42 25.01 -1.65 25.91
N LEU B 43 25.81 -1.92 24.89
CA LEU B 43 25.81 -1.11 23.67
C LEU B 43 24.64 -1.38 22.72
N HIS B 44 23.99 -2.54 22.87
CA HIS B 44 22.89 -2.92 21.97
C HIS B 44 21.78 -1.88 21.90
N GLY B 45 21.23 -1.52 23.06
CA GLY B 45 20.13 -0.58 23.15
C GLY B 45 20.57 0.87 23.26
N ASP B 46 21.72 1.08 23.89
CA ASP B 46 22.23 2.42 24.10
C ASP B 46 23.53 2.56 23.33
N ALA B 47 23.40 2.82 22.04
CA ALA B 47 24.56 3.00 21.18
C ALA B 47 25.35 4.23 21.60
N ARG B 48 24.71 5.11 22.36
CA ARG B 48 25.31 6.40 22.69
C ARG B 48 25.89 6.41 24.09
N MET B 49 25.96 5.24 24.72
CA MET B 49 26.57 5.16 26.04
C MET B 49 28.02 5.54 25.88
N PRO B 50 28.47 6.55 26.63
CA PRO B 50 29.83 7.08 26.54
C PRO B 50 30.86 6.02 26.90
N ASN B 51 32.04 6.11 26.29
CA ASN B 51 33.08 5.11 26.50
C ASN B 51 33.48 5.02 27.96
N ASN B 52 33.54 6.16 28.63
CA ASN B 52 33.90 6.20 30.04
C ASN B 52 32.85 5.55 30.93
N ALA B 53 31.58 5.82 30.65
CA ALA B 53 30.47 5.24 31.40
C ALA B 53 30.40 3.74 31.13
N LEU B 54 30.69 3.37 29.91
CA LEU B 54 30.64 1.98 29.48
C LEU B 54 31.74 1.20 30.19
N ALA B 55 32.95 1.74 30.14
CA ALA B 55 34.11 1.10 30.74
C ALA B 55 33.96 1.00 32.25
N ASP B 56 33.37 2.03 32.85
CA ASP B 56 33.15 2.03 34.30
C ASP B 56 32.11 0.98 34.68
N THR B 57 31.03 0.91 33.91
CA THR B 57 29.98 -0.07 34.15
C THR B 57 30.47 -1.51 33.94
N VAL B 58 31.41 -1.68 33.02
CA VAL B 58 31.96 -3.01 32.75
C VAL B 58 33.08 -3.32 33.75
N GLY B 59 33.67 -2.26 34.32
CA GLY B 59 34.72 -2.43 35.30
C GLY B 59 36.12 -2.58 34.73
N ILE B 60 36.34 -2.00 33.55
CA ILE B 60 37.67 -1.99 32.96
C ILE B 60 38.07 -0.55 32.62
N ALA B 61 39.36 -0.35 32.33
CA ALA B 61 39.85 0.98 31.99
C ALA B 61 39.31 1.40 30.62
N PRO B 62 39.02 2.70 30.45
CA PRO B 62 38.46 3.27 29.22
C PRO B 62 39.30 2.95 27.98
N SER B 63 40.62 2.95 28.10
CA SER B 63 41.50 2.61 26.99
C SER B 63 41.27 1.17 26.56
N THR B 64 41.19 0.28 27.55
CA THR B 64 41.00 -1.15 27.30
C THR B 64 39.65 -1.36 26.64
N CYS B 65 38.68 -0.58 27.10
CA CYS B 65 37.33 -0.65 26.59
C CYS B 65 37.28 -0.22 25.13
N HIS B 66 37.97 0.87 24.81
CA HIS B 66 38.02 1.36 23.44
C HIS B 66 38.67 0.33 22.53
N GLY B 67 39.73 -0.30 23.01
CA GLY B 67 40.39 -1.34 22.25
C GLY B 67 39.44 -2.50 21.99
N ARG B 68 38.62 -2.82 22.98
CA ARG B 68 37.67 -3.91 22.89
C ARG B 68 36.52 -3.61 21.92
N VAL B 69 35.99 -2.39 21.96
CA VAL B 69 34.94 -1.97 21.04
C VAL B 69 35.45 -1.94 19.61
N ARG B 70 36.67 -1.41 19.44
CA ARG B 70 37.32 -1.39 18.13
C ARG B 70 37.51 -2.81 17.62
N ARG B 71 37.86 -3.69 18.55
CA ARG B 71 38.04 -5.10 18.28
C ARG B 71 36.71 -5.66 17.72
N LEU B 72 35.62 -5.37 18.43
CA LEU B 72 34.30 -5.86 18.05
C LEU B 72 33.85 -5.37 16.68
N VAL B 73 34.14 -4.11 16.35
CA VAL B 73 33.83 -3.58 15.04
C VAL B 73 34.67 -4.26 13.97
N ASP B 74 35.94 -4.49 14.28
CA ASP B 74 36.87 -5.11 13.35
C ASP B 74 36.48 -6.54 12.98
N LEU B 75 36.06 -7.32 13.98
CA LEU B 75 35.68 -8.71 13.74
C LEU B 75 34.36 -8.84 12.97
N GLY B 76 33.61 -7.74 12.89
CA GLY B 76 32.32 -7.75 12.23
C GLY B 76 31.24 -8.12 13.22
N VAL B 77 31.63 -8.31 14.47
CA VAL B 77 30.68 -8.62 15.53
C VAL B 77 29.75 -7.43 15.73
N ILE B 78 30.29 -6.23 15.57
CA ILE B 78 29.47 -5.03 15.49
C ILE B 78 29.44 -4.58 14.03
N ARG B 79 28.26 -4.63 13.43
CA ARG B 79 28.11 -4.29 12.02
C ARG B 79 28.01 -2.77 11.82
N GLY B 80 27.52 -2.08 12.84
CA GLY B 80 27.48 -0.64 12.81
C GLY B 80 26.61 0.00 13.87
N PHE B 81 26.61 1.32 13.91
CA PHE B 81 25.77 2.09 14.81
C PHE B 81 24.82 2.98 14.00
N TYR B 82 23.52 2.94 14.29
CA TYR B 82 22.55 3.71 13.52
C TYR B 82 21.55 4.49 14.39
N ILE B 85 18.04 5.59 14.85
CA ILE B 85 16.88 5.24 14.03
C ILE B 85 15.82 6.34 14.03
N ASP B 86 15.99 7.33 13.15
CA ASP B 86 15.00 8.38 12.99
C ASP B 86 13.82 7.73 12.29
N PRO B 87 12.60 8.04 12.73
CA PRO B 87 11.37 7.40 12.23
C PRO B 87 11.29 7.17 10.73
N VAL B 88 10.41 7.93 10.05
CA VAL B 88 10.29 7.91 8.59
C VAL B 88 9.28 8.95 8.13
N ALA B 89 8.28 9.22 8.96
CA ALA B 89 7.20 10.13 8.60
C ALA B 89 7.69 11.55 8.33
N VAL B 90 8.95 11.80 8.69
CA VAL B 90 9.61 13.06 8.38
C VAL B 90 10.17 13.07 6.96
N GLY B 91 9.29 12.84 5.99
CA GLY B 91 9.65 13.06 4.60
C GLY B 91 9.20 11.90 3.75
N LEU B 92 9.10 10.75 4.41
CA LEU B 92 8.75 9.50 3.76
C LEU B 92 7.62 8.80 4.52
N PRO B 93 6.41 9.36 4.45
CA PRO B 93 5.31 8.89 5.29
C PRO B 93 4.74 7.55 4.84
N LEU B 94 5.12 7.10 3.65
CA LEU B 94 4.56 5.89 3.09
C LEU B 94 5.60 4.77 3.10
N GLN B 95 5.32 3.66 3.79
CA GLN B 95 6.28 2.57 3.90
C GLN B 95 5.79 1.31 3.22
N ALA B 96 6.72 0.52 2.69
CA ALA B 96 6.35 -0.70 1.98
C ALA B 96 7.32 -1.86 2.20
N MET B 97 6.82 -3.06 1.91
CA MET B 97 7.57 -4.29 1.96
C MET B 97 7.50 -4.88 0.56
N ILE B 98 8.62 -4.95 -0.15
CA ILE B 98 8.60 -5.45 -1.52
C ILE B 98 9.34 -6.78 -1.62
N SER B 99 8.61 -7.86 -1.88
CA SER B 99 9.23 -9.17 -2.04
C SER B 99 9.68 -9.36 -3.47
N VAL B 100 10.96 -9.68 -3.66
CA VAL B 100 11.52 -9.78 -5.00
C VAL B 100 11.91 -11.21 -5.37
N ASN B 101 11.50 -11.64 -6.55
CA ASN B 101 11.92 -12.92 -7.09
C ASN B 101 12.76 -12.70 -8.35
N LEU B 102 13.98 -13.19 -8.33
CA LEU B 102 14.92 -13.05 -9.45
C LEU B 102 14.71 -14.17 -10.45
N GLN B 103 15.34 -14.04 -11.62
CA GLN B 103 15.33 -15.10 -12.61
C GLN B 103 16.25 -16.24 -12.18
N SER B 104 15.90 -17.44 -12.59
CA SER B 104 16.64 -18.62 -12.18
C SER B 104 18.09 -18.52 -12.64
N SER B 105 18.28 -17.75 -13.70
CA SER B 105 19.60 -17.56 -14.28
C SER B 105 20.34 -16.43 -13.56
N ALA B 106 19.60 -15.52 -12.95
CA ALA B 106 20.20 -14.38 -12.28
C ALA B 106 20.54 -14.64 -10.80
N ARG B 107 20.10 -15.77 -10.26
CA ARG B 107 20.23 -16.03 -8.82
C ARG B 107 21.65 -15.99 -8.28
N GLY B 108 22.61 -16.48 -9.08
CA GLY B 108 24.00 -16.55 -8.66
C GLY B 108 24.58 -15.19 -8.30
N LYS B 109 24.07 -14.15 -8.93
CA LYS B 109 24.59 -12.81 -8.72
C LYS B 109 23.87 -12.07 -7.58
N ILE B 110 23.07 -12.81 -6.80
CA ILE B 110 22.28 -12.21 -5.74
C ILE B 110 23.11 -11.30 -4.81
N ARG B 111 24.28 -11.78 -4.43
CA ARG B 111 25.16 -11.06 -3.52
C ARG B 111 25.46 -9.66 -4.04
N SER B 112 25.67 -9.58 -5.36
CA SER B 112 25.95 -8.30 -5.98
C SER B 112 24.73 -7.39 -5.95
N PHE B 113 23.58 -7.98 -6.24
CA PHE B 113 22.34 -7.23 -6.43
C PHE B 113 22.06 -6.41 -5.17
N ILE B 114 22.07 -7.10 -4.04
CA ILE B 114 21.85 -6.47 -2.75
C ILE B 114 22.93 -5.41 -2.50
N GLN B 115 24.18 -5.77 -2.85
CA GLN B 115 25.32 -4.91 -2.60
C GLN B 115 25.11 -3.54 -3.24
N GLN B 116 24.29 -3.51 -4.30
CA GLN B 116 23.93 -2.24 -4.92
C GLN B 116 22.64 -1.70 -4.31
N ILE B 117 21.64 -2.57 -4.16
CA ILE B 117 20.31 -2.15 -3.74
C ILE B 117 20.31 -1.48 -2.37
N ARG B 118 21.29 -1.84 -1.55
CA ARG B 118 21.43 -1.28 -0.21
C ARG B 118 21.75 0.21 -0.26
N ARG B 119 22.47 0.61 -1.29
CA ARG B 119 22.91 2.00 -1.39
C ARG B 119 21.78 2.93 -1.81
N LYS B 120 20.69 2.35 -2.29
CA LYS B 120 19.55 3.12 -2.79
C LYS B 120 18.86 3.82 -1.62
N ARG B 121 18.40 5.05 -1.84
CA ARG B 121 17.95 5.90 -0.74
C ARG B 121 16.73 5.38 0.01
N GLN B 122 15.81 4.75 -0.72
CA GLN B 122 14.56 4.31 -0.10
C GLN B 122 14.70 3.08 0.80
N VAL B 123 15.61 2.18 0.45
CA VAL B 123 15.73 0.92 1.20
C VAL B 123 16.18 1.14 2.65
N MET B 124 15.44 0.53 3.57
CA MET B 124 15.83 0.54 4.97
C MET B 124 16.33 -0.83 5.38
N ASP B 125 15.61 -1.89 5.00
CA ASP B 125 16.04 -3.22 5.38
C ASP B 125 16.07 -4.19 4.19
N VAL B 126 16.97 -5.15 4.24
CA VAL B 126 16.99 -6.23 3.25
C VAL B 126 17.01 -7.58 3.94
N TYR B 127 16.04 -8.43 3.60
CA TYR B 127 15.96 -9.76 4.18
C TYR B 127 16.13 -10.79 3.07
N PHE B 128 17.07 -11.72 3.26
CA PHE B 128 17.22 -12.84 2.33
C PHE B 128 16.42 -13.98 2.92
N LEU B 129 15.59 -14.61 2.10
CA LEU B 129 14.69 -15.63 2.58
C LEU B 129 14.93 -16.96 1.89
N ALA B 130 14.30 -18.02 2.39
CA ALA B 130 14.41 -19.32 1.77
C ALA B 130 13.09 -19.79 1.15
N GLY B 131 12.15 -18.87 0.98
CA GLY B 131 10.86 -19.21 0.42
C GLY B 131 10.91 -19.09 -1.09
N ALA B 132 9.78 -18.83 -1.72
CA ALA B 132 9.74 -18.73 -3.18
C ALA B 132 10.41 -17.44 -3.66
N ASP B 133 10.27 -16.38 -2.87
CA ASP B 133 10.88 -15.11 -3.24
C ASP B 133 12.29 -15.06 -2.68
N ASP B 134 13.19 -14.48 -3.46
CA ASP B 134 14.59 -14.44 -3.10
C ASP B 134 14.88 -13.53 -1.92
N PHE B 135 14.21 -12.38 -1.89
CA PHE B 135 14.37 -11.44 -0.78
C PHE B 135 13.24 -10.41 -0.65
N ILE B 136 13.11 -9.82 0.55
CA ILE B 136 12.13 -8.75 0.76
C ILE B 136 12.82 -7.47 1.21
N LEU B 137 12.33 -6.36 0.69
CA LEU B 137 12.93 -5.06 0.90
C LEU B 137 11.99 -4.20 1.72
N HIS B 138 12.44 -3.75 2.89
CA HIS B 138 11.67 -2.78 3.66
C HIS B 138 12.11 -1.39 3.20
N VAL B 139 11.17 -0.66 2.60
CA VAL B 139 11.47 0.64 2.01
C VAL B 139 10.56 1.76 2.50
N ALA B 140 11.04 3.00 2.39
CA ALA B 140 10.24 4.17 2.69
C ALA B 140 10.23 5.15 1.52
N ALA B 141 9.06 5.72 1.26
CA ALA B 141 8.87 6.68 0.18
C ALA B 141 7.90 7.79 0.58
N ARG B 142 7.99 8.92 -0.11
CA ARG B 142 7.16 10.09 0.18
C ARG B 142 5.71 9.90 -0.27
N ASP B 143 5.54 9.39 -1.49
CA ASP B 143 4.21 9.13 -2.02
C ASP B 143 4.17 7.84 -2.82
N THR B 144 3.02 7.52 -3.40
CA THR B 144 2.87 6.27 -4.15
C THR B 144 3.67 6.32 -5.44
N GLU B 145 3.83 7.52 -5.99
CA GLU B 145 4.59 7.68 -7.22
C GLU B 145 6.06 7.41 -6.96
N ASP B 146 6.53 7.81 -5.78
CA ASP B 146 7.92 7.61 -5.41
C ASP B 146 8.19 6.11 -5.29
N LEU B 147 7.27 5.42 -4.64
CA LEU B 147 7.36 3.98 -4.45
C LEU B 147 7.38 3.28 -5.81
N ARG B 148 6.43 3.66 -6.65
CA ARG B 148 6.28 3.11 -7.99
C ARG B 148 7.55 3.32 -8.80
N SER B 149 8.14 4.48 -8.65
CA SER B 149 9.36 4.84 -9.35
C SER B 149 10.50 3.97 -8.86
N PHE B 150 10.53 3.72 -7.55
CA PHE B 150 11.56 2.86 -6.97
C PHE B 150 11.47 1.48 -7.59
N VAL B 151 10.26 0.94 -7.64
CA VAL B 151 10.07 -0.40 -8.22
C VAL B 151 10.44 -0.44 -9.71
N VAL B 152 9.94 0.51 -10.47
CA VAL B 152 10.18 0.54 -11.91
C VAL B 152 11.66 0.68 -12.27
N GLU B 153 12.29 1.72 -11.73
CA GLU B 153 13.66 2.04 -12.07
C GLU B 153 14.72 1.15 -11.39
N ASN B 154 14.45 0.67 -10.17
CA ASN B 154 15.43 -0.19 -9.49
C ASN B 154 15.17 -1.70 -9.63
N LEU B 155 13.91 -2.08 -9.81
CA LEU B 155 13.56 -3.50 -9.88
C LEU B 155 13.06 -3.91 -11.27
N ASN B 156 11.91 -3.38 -11.68
CA ASN B 156 11.26 -3.78 -12.91
C ASN B 156 12.14 -3.67 -14.16
N ALA B 157 13.07 -2.72 -14.13
CA ALA B 157 13.97 -2.53 -15.27
C ALA B 157 15.29 -3.25 -15.04
N ASP B 158 15.20 -4.53 -14.67
CA ASP B 158 16.40 -5.33 -14.41
C ASP B 158 16.11 -6.81 -14.62
N ALA B 159 17.12 -7.65 -14.40
CA ALA B 159 16.98 -9.10 -14.54
C ALA B 159 16.45 -9.76 -13.26
N ASP B 160 15.24 -9.37 -12.87
CA ASP B 160 14.52 -10.06 -11.80
C ASP B 160 13.11 -10.36 -12.25
N VAL B 161 12.64 -11.57 -11.98
CA VAL B 161 11.37 -12.05 -12.52
C VAL B 161 10.19 -11.17 -12.12
N ALA B 162 10.04 -10.90 -10.82
CA ALA B 162 8.89 -10.12 -10.36
C ALA B 162 9.04 -9.55 -8.96
N GLY B 163 8.06 -8.75 -8.57
CA GLY B 163 8.03 -8.21 -7.22
C GLY B 163 6.60 -8.05 -6.75
N THR B 164 6.39 -8.21 -5.45
CA THR B 164 5.10 -7.94 -4.87
C THR B 164 5.30 -6.84 -3.83
N GLN B 165 4.76 -5.66 -4.08
CA GLN B 165 4.92 -4.53 -3.16
C GLN B 165 3.67 -4.47 -2.26
N THR B 166 3.90 -4.41 -0.95
CA THR B 166 2.82 -4.43 0.00
C THR B 166 2.93 -3.25 0.98
N SER B 167 1.82 -2.68 1.46
CA SER B 167 1.88 -1.51 2.36
C SER B 167 2.18 -1.83 3.85
N LEU B 168 3.11 -1.07 4.40
CA LEU B 168 3.39 -1.07 5.84
C LEU B 168 2.63 0.00 6.58
N ILE B 169 1.84 -0.39 7.58
CA ILE B 169 1.09 0.59 8.34
C ILE B 169 1.80 1.02 9.63
N PHE B 170 2.48 0.11 10.30
CA PHE B 170 3.20 0.41 11.55
C PHE B 170 4.49 -0.42 11.57
N GLU B 171 5.50 0.10 12.26
CA GLU B 171 6.75 -0.63 12.50
C GLU B 171 7.14 -0.59 13.97
N HIS B 172 7.63 -1.71 14.49
CA HIS B 172 8.02 -1.79 15.89
C HIS B 172 9.32 -2.52 16.11
N LEU B 173 9.96 -2.22 17.23
CA LEU B 173 11.15 -2.94 17.68
C LEU B 173 10.77 -3.48 19.05
N ARG B 174 11.47 -4.50 19.52
CA ARG B 174 11.07 -5.14 20.77
C ARG B 174 11.61 -4.42 22.00
N GLY B 175 10.73 -4.12 22.94
CA GLY B 175 11.12 -3.48 24.19
C GLY B 175 11.44 -4.55 25.21
N ALA B 176 12.46 -5.35 24.89
CA ALA B 176 12.91 -6.42 25.76
C ALA B 176 14.36 -6.16 26.18
N ALA B 177 14.68 -6.45 27.43
CA ALA B 177 16.02 -6.19 27.93
C ALA B 177 17.00 -7.20 27.39
N PRO B 178 17.88 -6.74 26.50
CA PRO B 178 18.86 -7.61 25.85
C PRO B 178 19.98 -8.04 26.79
N LEU C 32 -40.84 -2.68 -19.79
CA LEU C 32 -39.51 -2.66 -20.40
C LEU C 32 -39.53 -2.03 -21.78
N ASP C 33 -40.28 -2.61 -22.72
CA ASP C 33 -40.42 -2.06 -24.08
C ASP C 33 -39.10 -1.96 -24.85
N GLU C 34 -39.18 -1.75 -26.15
CA GLU C 34 -38.00 -1.55 -26.99
C GLU C 34 -37.40 -0.17 -26.75
N VAL C 35 -38.28 0.82 -26.61
CA VAL C 35 -37.89 2.22 -26.52
C VAL C 35 -37.16 2.54 -25.22
N ASP C 36 -37.51 1.85 -24.15
CA ASP C 36 -36.89 2.08 -22.85
C ASP C 36 -35.55 1.36 -22.81
N ARG C 37 -35.46 0.22 -23.47
CA ARG C 37 -34.21 -0.51 -23.60
C ARG C 37 -33.22 0.36 -24.38
N ARG C 38 -33.72 0.95 -25.46
CA ARG C 38 -32.91 1.83 -26.30
C ARG C 38 -32.49 3.09 -25.55
N ILE C 39 -33.43 3.71 -24.85
CA ILE C 39 -33.17 4.92 -24.07
C ILE C 39 -32.17 4.67 -22.94
N LEU C 40 -32.34 3.54 -22.25
CA LEU C 40 -31.45 3.19 -21.15
C LEU C 40 -30.07 2.91 -21.70
N SER C 41 -30.02 2.25 -22.86
CA SER C 41 -28.75 2.00 -23.53
C SER C 41 -28.06 3.33 -23.85
N LEU C 42 -28.85 4.32 -24.23
CA LEU C 42 -28.34 5.64 -24.55
C LEU C 42 -27.80 6.36 -23.30
N LEU C 43 -28.54 6.23 -22.21
CA LEU C 43 -28.27 6.95 -20.96
C LEU C 43 -27.14 6.35 -20.12
N HIS C 44 -26.94 5.05 -20.27
CA HIS C 44 -26.00 4.29 -19.44
C HIS C 44 -24.59 4.88 -19.49
N GLY C 45 -24.11 5.13 -20.70
CA GLY C 45 -22.80 5.73 -20.90
C GLY C 45 -22.74 7.23 -20.81
N ASP C 46 -23.84 7.89 -21.21
CA ASP C 46 -23.92 9.35 -21.29
C ASP C 46 -25.10 9.95 -20.51
N ALA C 47 -24.87 10.24 -19.23
CA ALA C 47 -25.92 10.84 -18.41
C ALA C 47 -26.37 12.22 -18.87
N ARG C 48 -25.54 12.86 -19.69
CA ARG C 48 -25.80 14.25 -20.07
C ARG C 48 -26.38 14.40 -21.47
N MET C 49 -26.74 13.26 -22.08
CA MET C 49 -27.36 13.28 -23.39
C MET C 49 -28.70 13.96 -23.27
N PRO C 50 -28.94 14.98 -24.11
CA PRO C 50 -30.16 15.79 -24.00
C PRO C 50 -31.42 14.95 -24.19
N ASN C 51 -32.49 15.32 -23.50
CA ASN C 51 -33.73 14.54 -23.54
C ASN C 51 -34.34 14.51 -24.94
N ASN C 52 -34.31 15.65 -25.62
CA ASN C 52 -34.83 15.74 -26.98
C ASN C 52 -34.00 14.93 -27.96
N ALA C 53 -32.69 14.88 -27.71
CA ALA C 53 -31.78 14.09 -28.53
C ALA C 53 -32.11 12.61 -28.40
N LEU C 54 -32.36 12.17 -27.18
CA LEU C 54 -32.72 10.79 -26.90
C LEU C 54 -34.06 10.46 -27.55
N ALA C 55 -35.01 11.37 -27.39
CA ALA C 55 -36.35 11.20 -27.94
C ALA C 55 -36.32 11.11 -29.46
N ASP C 56 -35.43 11.90 -30.07
CA ASP C 56 -35.25 11.91 -31.52
C ASP C 56 -34.60 10.60 -31.97
N THR C 57 -33.61 10.13 -31.22
CA THR C 57 -32.96 8.87 -31.56
C THR C 57 -33.92 7.69 -31.47
N VAL C 58 -34.83 7.73 -30.49
CA VAL C 58 -35.81 6.65 -30.33
C VAL C 58 -37.05 6.90 -31.18
N GLY C 59 -37.27 8.16 -31.57
CA GLY C 59 -38.41 8.51 -32.40
C GLY C 59 -39.67 8.79 -31.61
N ILE C 60 -39.51 9.27 -30.37
CA ILE C 60 -40.64 9.58 -29.52
C ILE C 60 -40.71 11.07 -29.21
N ALA C 61 -41.75 11.48 -28.49
CA ALA C 61 -41.91 12.88 -28.15
C ALA C 61 -41.13 13.24 -26.88
N PRO C 62 -40.55 14.45 -26.85
CA PRO C 62 -39.76 14.95 -25.73
C PRO C 62 -40.50 14.92 -24.41
N SER C 63 -41.76 15.37 -24.39
CA SER C 63 -42.57 15.30 -23.18
C SER C 63 -42.71 13.83 -22.77
N THR C 64 -43.15 13.04 -23.74
CA THR C 64 -43.36 11.61 -23.53
C THR C 64 -42.06 10.93 -23.10
N CYS C 65 -40.94 11.35 -23.67
CA CYS C 65 -39.64 10.78 -23.34
C CYS C 65 -39.26 11.09 -21.90
N HIS C 66 -39.46 12.35 -21.51
CA HIS C 66 -39.25 12.78 -20.12
C HIS C 66 -40.07 11.88 -19.21
N GLY C 67 -41.33 11.66 -19.57
CA GLY C 67 -42.18 10.79 -18.79
C GLY C 67 -41.66 9.36 -18.68
N ARG C 68 -41.14 8.85 -19.79
CA ARG C 68 -40.59 7.50 -19.84
C ARG C 68 -39.38 7.35 -18.91
N VAL C 69 -38.49 8.32 -18.97
CA VAL C 69 -37.34 8.35 -18.08
C VAL C 69 -37.80 8.41 -16.63
N ARG C 70 -38.86 9.19 -16.38
CA ARG C 70 -39.39 9.32 -15.02
C ARG C 70 -39.90 7.97 -14.50
N ARG C 71 -40.66 7.26 -15.32
CA ARG C 71 -41.14 5.93 -14.94
C ARG C 71 -39.94 5.03 -14.65
N LEU C 72 -38.99 5.03 -15.58
CA LEU C 72 -37.78 4.23 -15.43
C LEU C 72 -37.08 4.47 -14.09
N VAL C 73 -36.99 5.74 -13.71
CA VAL C 73 -36.40 6.10 -12.42
C VAL C 73 -37.24 5.58 -11.26
N ASP C 74 -38.56 5.67 -11.40
CA ASP C 74 -39.48 5.21 -10.35
C ASP C 74 -39.41 3.71 -10.07
N LEU C 75 -39.35 2.90 -11.12
CA LEU C 75 -39.25 1.46 -10.91
C LEU C 75 -37.88 1.06 -10.36
N GLY C 76 -36.93 1.98 -10.42
CA GLY C 76 -35.59 1.73 -9.90
C GLY C 76 -34.65 1.10 -10.90
N VAL C 77 -35.11 0.95 -12.14
CA VAL C 77 -34.26 0.39 -13.19
C VAL C 77 -33.11 1.35 -13.49
N ILE C 78 -33.31 2.62 -13.16
CA ILE C 78 -32.25 3.62 -13.24
C ILE C 78 -32.03 4.21 -11.85
N ARG C 79 -31.07 3.66 -11.12
CA ARG C 79 -30.86 4.05 -9.72
C ARG C 79 -30.41 5.49 -9.54
N GLY C 80 -29.70 6.03 -10.52
CA GLY C 80 -29.29 7.42 -10.45
C GLY C 80 -28.26 7.83 -11.48
N PHE C 81 -27.93 9.12 -11.48
CA PHE C 81 -26.92 9.66 -12.38
C PHE C 81 -25.74 10.20 -11.57
N TYR C 82 -24.53 9.81 -11.97
CA TYR C 82 -23.34 10.26 -11.24
C TYR C 82 -22.24 10.78 -12.17
N THR C 83 -21.39 11.65 -11.63
CA THR C 83 -20.22 12.13 -12.35
C THR C 83 -19.01 11.41 -11.80
N ASP C 84 -18.17 10.86 -12.67
CA ASP C 84 -17.02 10.10 -12.23
C ASP C 84 -15.76 10.95 -12.09
N ILE C 85 -15.49 11.39 -10.86
CA ILE C 85 -14.35 12.24 -10.57
C ILE C 85 -13.17 11.44 -10.03
N ASP C 86 -11.99 11.64 -10.60
CA ASP C 86 -10.78 11.00 -10.10
C ASP C 86 -10.53 11.42 -8.66
N PRO C 87 -10.48 10.45 -7.74
CA PRO C 87 -10.23 10.69 -6.31
C PRO C 87 -8.96 11.49 -6.08
N VAL C 88 -7.94 11.27 -6.90
CA VAL C 88 -6.67 11.98 -6.71
C VAL C 88 -6.87 13.48 -6.82
N ALA C 89 -7.76 13.88 -7.72
CA ALA C 89 -8.04 15.28 -7.95
C ALA C 89 -8.86 15.92 -6.82
N VAL C 90 -9.38 15.10 -5.92
CA VAL C 90 -10.24 15.63 -4.86
C VAL C 90 -9.82 15.21 -3.45
N GLY C 91 -8.51 15.22 -3.21
CA GLY C 91 -7.97 14.95 -1.89
C GLY C 91 -7.93 13.52 -1.37
N LEU C 92 -8.04 12.54 -2.27
CA LEU C 92 -7.92 11.14 -1.87
C LEU C 92 -6.94 10.42 -2.79
N PRO C 93 -5.65 10.78 -2.68
CA PRO C 93 -4.63 10.30 -3.63
C PRO C 93 -4.17 8.86 -3.37
N LEU C 94 -4.54 8.26 -2.24
CA LEU C 94 -4.06 6.92 -1.94
C LEU C 94 -5.15 5.92 -2.23
N GLN C 95 -4.92 5.04 -3.19
CA GLN C 95 -5.98 4.12 -3.60
C GLN C 95 -5.59 2.67 -3.38
N ALA C 96 -6.57 1.86 -3.00
CA ALA C 96 -6.33 0.45 -2.73
C ALA C 96 -7.52 -0.43 -3.13
N MET C 97 -7.26 -1.72 -3.24
CA MET C 97 -8.28 -2.72 -3.55
C MET C 97 -8.29 -3.71 -2.40
N ILE C 98 -9.42 -3.80 -1.70
CA ILE C 98 -9.52 -4.67 -0.54
C ILE C 98 -10.50 -5.83 -0.76
N SER C 99 -9.98 -7.05 -0.83
CA SER C 99 -10.82 -8.22 -1.01
C SER C 99 -11.33 -8.66 0.35
N VAL C 100 -12.64 -8.73 0.50
CA VAL C 100 -13.23 -9.06 1.79
C VAL C 100 -13.95 -10.40 1.80
N ASN C 101 -13.60 -11.23 2.77
CA ASN C 101 -14.36 -12.45 3.02
C ASN C 101 -15.08 -12.35 4.36
N LEU C 102 -16.37 -12.66 4.33
CA LEU C 102 -17.22 -12.60 5.51
C LEU C 102 -17.31 -14.00 6.09
N GLN C 103 -17.86 -14.10 7.29
CA GLN C 103 -18.05 -15.39 7.93
C GLN C 103 -19.16 -16.15 7.20
N SER C 104 -19.09 -17.47 7.21
CA SER C 104 -20.05 -18.30 6.47
C SER C 104 -21.48 -18.06 6.96
N SER C 105 -21.60 -17.63 8.21
CA SER C 105 -22.88 -17.33 8.81
C SER C 105 -23.30 -15.88 8.54
N ALA C 106 -22.31 -15.03 8.33
CA ALA C 106 -22.56 -13.60 8.12
C ALA C 106 -22.92 -13.27 6.69
N ARG C 107 -22.80 -14.27 5.81
CA ARG C 107 -23.00 -14.06 4.37
C ARG C 107 -24.41 -13.53 4.13
N GLY C 108 -25.35 -13.99 4.95
CA GLY C 108 -26.74 -13.59 4.82
C GLY C 108 -26.94 -12.10 4.92
N LYS C 109 -26.03 -11.41 5.62
CA LYS C 109 -26.16 -9.98 5.81
C LYS C 109 -25.41 -9.16 4.75
N ILE C 110 -24.91 -9.84 3.72
CA ILE C 110 -24.08 -9.18 2.70
C ILE C 110 -24.71 -7.91 2.13
N ARG C 111 -25.96 -8.05 1.69
CA ARG C 111 -26.69 -6.96 1.06
C ARG C 111 -26.79 -5.78 2.02
N SER C 112 -26.93 -6.06 3.31
CA SER C 112 -26.98 -4.99 4.29
C SER C 112 -25.60 -4.37 4.45
N PHE C 113 -24.59 -5.23 4.55
CA PHE C 113 -23.23 -4.79 4.84
C PHE C 113 -22.78 -3.80 3.77
N ILE C 114 -22.91 -4.22 2.52
CA ILE C 114 -22.57 -3.38 1.39
C ILE C 114 -23.36 -2.09 1.46
N GLN C 115 -24.66 -2.24 1.72
CA GLN C 115 -25.57 -1.11 1.78
C GLN C 115 -25.07 -0.04 2.75
N GLN C 116 -24.41 -0.47 3.81
CA GLN C 116 -23.89 0.49 4.77
C GLN C 116 -22.53 0.99 4.31
N ILE C 117 -21.67 0.06 3.91
CA ILE C 117 -20.28 0.38 3.59
C ILE C 117 -20.15 1.33 2.40
N ARG C 118 -21.14 1.32 1.51
CA ARG C 118 -21.14 2.23 0.37
C ARG C 118 -21.23 3.68 0.81
N ARG C 119 -21.86 3.91 1.96
CA ARG C 119 -22.03 5.28 2.43
C ARG C 119 -20.74 5.88 2.99
N LYS C 120 -19.72 5.05 3.20
CA LYS C 120 -18.47 5.53 3.75
C LYS C 120 -17.68 6.28 2.69
N ARG C 121 -17.00 7.36 3.10
CA ARG C 121 -16.36 8.28 2.16
C ARG C 121 -15.23 7.65 1.33
N GLN C 122 -14.50 6.72 1.93
CA GLN C 122 -13.34 6.13 1.26
C GLN C 122 -13.70 5.17 0.12
N VAL C 123 -14.83 4.49 0.26
CA VAL C 123 -15.26 3.50 -0.73
C VAL C 123 -15.57 4.17 -2.06
N MET C 124 -14.97 3.70 -3.14
CA MET C 124 -15.31 4.21 -4.46
C MET C 124 -16.14 3.21 -5.26
N ASP C 125 -15.68 1.96 -5.29
CA ASP C 125 -16.40 0.94 -6.05
C ASP C 125 -16.58 -0.33 -5.23
N VAL C 126 -17.61 -1.09 -5.53
CA VAL C 126 -17.78 -2.41 -4.94
C VAL C 126 -17.99 -3.44 -6.06
N TYR C 127 -17.18 -4.47 -6.09
CA TYR C 127 -17.30 -5.49 -7.12
C TYR C 127 -17.65 -6.84 -6.52
N PHE C 128 -18.71 -7.47 -7.01
CA PHE C 128 -18.97 -8.86 -6.63
C PHE C 128 -18.49 -9.73 -7.77
N LEU C 129 -17.66 -10.72 -7.47
CA LEU C 129 -17.10 -11.55 -8.52
C LEU C 129 -17.50 -13.00 -8.38
N ALA C 130 -17.16 -13.78 -9.40
CA ALA C 130 -17.41 -15.20 -9.37
C ALA C 130 -16.05 -15.83 -9.15
N GLY C 131 -15.51 -15.58 -7.96
CA GLY C 131 -14.20 -16.07 -7.56
C GLY C 131 -14.18 -16.46 -6.09
N ALA C 132 -13.00 -16.40 -5.50
CA ALA C 132 -12.80 -16.82 -4.12
C ALA C 132 -13.38 -15.85 -3.07
N ASP C 133 -13.37 -14.56 -3.37
CA ASP C 133 -13.83 -13.53 -2.43
C ASP C 133 -15.31 -13.15 -2.56
N ASP C 134 -15.93 -12.75 -1.44
CA ASP C 134 -17.33 -12.34 -1.43
C ASP C 134 -17.56 -11.03 -2.17
N PHE C 135 -16.69 -10.07 -1.93
CA PHE C 135 -16.72 -8.81 -2.67
C PHE C 135 -15.36 -8.13 -2.56
N ILE C 136 -15.10 -7.20 -3.46
CA ILE C 136 -13.87 -6.42 -3.46
C ILE C 136 -14.20 -4.94 -3.40
N LEU C 137 -13.41 -4.19 -2.64
CA LEU C 137 -13.66 -2.78 -2.41
C LEU C 137 -12.58 -1.94 -3.07
N HIS C 138 -12.97 -1.09 -4.01
CA HIS C 138 -12.06 -0.09 -4.51
C HIS C 138 -12.21 1.12 -3.61
N VAL C 139 -11.13 1.47 -2.90
CA VAL C 139 -11.18 2.55 -1.93
C VAL C 139 -10.13 3.63 -2.19
N ALA C 140 -10.45 4.84 -1.74
CA ALA C 140 -9.52 5.97 -1.79
C ALA C 140 -9.45 6.65 -0.43
N ALA C 141 -8.25 7.04 -0.04
CA ALA C 141 -8.00 7.67 1.24
C ALA C 141 -6.97 8.77 1.09
N ARG C 142 -6.94 9.68 2.08
CA ARG C 142 -6.05 10.83 2.03
C ARG C 142 -4.62 10.38 2.23
N ASP C 143 -4.41 9.59 3.27
CA ASP C 143 -3.09 9.08 3.60
C ASP C 143 -3.19 7.67 4.15
N THR C 144 -2.04 7.13 4.57
CA THR C 144 -1.98 5.80 5.13
C THR C 144 -2.73 5.72 6.45
N GLU C 145 -2.77 6.83 7.18
CA GLU C 145 -3.51 6.85 8.44
C GLU C 145 -4.99 6.75 8.13
N ASP C 146 -5.41 7.38 7.03
CA ASP C 146 -6.81 7.34 6.61
C ASP C 146 -7.21 5.94 6.15
N LEU C 147 -6.33 5.30 5.38
CA LEU C 147 -6.56 3.95 4.90
C LEU C 147 -6.65 2.96 6.05
N ARG C 148 -5.70 3.07 6.97
CA ARG C 148 -5.69 2.22 8.16
C ARG C 148 -6.96 2.45 8.96
N SER C 149 -7.35 3.72 9.07
CA SER C 149 -8.56 4.09 9.79
C SER C 149 -9.76 3.37 9.19
N PHE C 150 -9.89 3.44 7.87
CA PHE C 150 -11.01 2.80 7.21
C PHE C 150 -11.02 1.29 7.40
N VAL C 151 -9.90 0.64 7.14
CA VAL C 151 -9.85 -0.82 7.25
C VAL C 151 -10.17 -1.27 8.67
N VAL C 152 -9.53 -0.63 9.66
CA VAL C 152 -9.74 -1.00 11.06
C VAL C 152 -11.17 -0.75 11.52
N GLU C 153 -11.68 0.46 11.30
CA GLU C 153 -12.99 0.82 11.83
C GLU C 153 -14.17 0.18 11.08
N ASN C 154 -14.02 0.02 9.77
CA ASN C 154 -15.13 -0.48 8.96
C ASN C 154 -15.10 -1.97 8.64
N LEU C 155 -13.91 -2.57 8.66
CA LEU C 155 -13.77 -3.99 8.39
C LEU C 155 -13.37 -4.80 9.63
N ASN C 156 -12.21 -4.51 10.19
CA ASN C 156 -11.66 -5.30 11.29
C ASN C 156 -12.58 -5.49 12.49
N ALA C 157 -13.43 -4.50 12.76
CA ALA C 157 -14.33 -4.57 13.90
C ALA C 157 -15.73 -5.03 13.52
N ASP C 158 -15.82 -6.15 12.81
CA ASP C 158 -17.12 -6.67 12.40
C ASP C 158 -17.09 -8.17 12.19
N ALA C 159 -18.22 -8.73 11.75
CA ALA C 159 -18.35 -10.16 11.47
C ALA C 159 -17.84 -10.49 10.07
N ASP C 160 -16.56 -10.22 9.83
CA ASP C 160 -15.93 -10.63 8.58
C ASP C 160 -14.62 -11.36 8.79
N VAL C 161 -14.49 -12.50 8.12
CA VAL C 161 -13.38 -13.41 8.31
C VAL C 161 -12.03 -12.77 8.03
N ALA C 162 -11.89 -12.17 6.85
CA ALA C 162 -10.59 -11.60 6.49
C ALA C 162 -10.63 -10.59 5.36
N GLY C 163 -9.50 -9.96 5.12
CA GLY C 163 -9.35 -9.01 4.04
C GLY C 163 -7.94 -9.00 3.49
N THR C 164 -7.81 -8.73 2.20
CA THR C 164 -6.52 -8.58 1.56
C THR C 164 -6.42 -7.22 0.89
N GLN C 165 -5.52 -6.37 1.36
CA GLN C 165 -5.34 -5.06 0.77
C GLN C 165 -4.21 -5.02 -0.26
N THR C 166 -4.50 -4.44 -1.42
CA THR C 166 -3.53 -4.31 -2.51
C THR C 166 -3.42 -2.86 -2.95
N SER C 167 -2.22 -2.43 -3.32
CA SER C 167 -1.99 -1.03 -3.65
C SER C 167 -2.43 -0.74 -5.09
N LEU C 168 -3.26 0.29 -5.25
CA LEU C 168 -3.57 0.79 -6.58
C LEU C 168 -2.57 1.88 -6.89
N ILE C 169 -1.88 1.72 -7.99
CA ILE C 169 -0.90 2.68 -8.44
C ILE C 169 -1.51 3.71 -9.40
N PHE C 170 -2.41 3.26 -10.27
CA PHE C 170 -3.17 4.17 -11.15
C PHE C 170 -4.46 3.50 -11.60
N GLU C 171 -5.56 4.24 -11.74
CA GLU C 171 -6.77 3.74 -12.40
C GLU C 171 -7.16 4.52 -13.66
N HIS C 172 -7.90 3.87 -14.56
CA HIS C 172 -8.37 4.50 -15.80
C HIS C 172 -9.86 4.23 -16.04
N LEU C 173 -10.61 5.26 -16.44
CA LEU C 173 -12.03 5.11 -16.75
C LEU C 173 -12.28 5.57 -18.19
N ARG C 174 -11.95 6.82 -18.47
CA ARG C 174 -12.06 7.37 -19.83
C ARG C 174 -11.17 8.62 -19.97
N GLY C 175 -9.89 8.48 -19.64
CA GLY C 175 -9.00 9.62 -19.47
C GLY C 175 -7.66 9.51 -20.20
N ALA C 176 -6.78 10.49 -19.95
CA ALA C 176 -5.45 10.52 -20.56
C ALA C 176 -4.50 9.54 -19.88
N ALA C 177 -3.66 8.88 -20.69
CA ALA C 177 -2.74 7.85 -20.20
C ALA C 177 -1.49 8.38 -19.49
N PRO C 178 -0.75 9.24 -20.19
CA PRO C 178 0.54 9.77 -19.71
C PRO C 178 1.58 8.65 -19.57
N GLU D 31 -3.98 21.79 -10.33
CA GLU D 31 -4.41 22.43 -11.58
C GLU D 31 -5.87 22.82 -11.52
N LEU D 32 -6.40 22.89 -10.29
CA LEU D 32 -7.80 23.24 -10.07
C LEU D 32 -7.96 24.53 -9.26
N ASP D 33 -8.66 25.51 -9.84
CA ASP D 33 -8.98 26.73 -9.11
C ASP D 33 -10.26 26.54 -8.31
N GLU D 34 -10.73 27.60 -7.66
CA GLU D 34 -11.96 27.51 -6.88
C GLU D 34 -13.17 27.23 -7.78
N VAL D 35 -13.13 27.80 -8.98
CA VAL D 35 -14.22 27.63 -9.93
C VAL D 35 -14.37 26.18 -10.39
N ASP D 36 -13.25 25.54 -10.73
CA ASP D 36 -13.27 24.14 -11.15
C ASP D 36 -13.79 23.23 -10.06
N ARG D 37 -13.38 23.50 -8.82
CA ARG D 37 -13.83 22.70 -7.69
C ARG D 37 -15.32 22.87 -7.45
N ARG D 38 -15.80 24.10 -7.55
CA ARG D 38 -17.23 24.37 -7.39
C ARG D 38 -18.02 23.62 -8.47
N ILE D 39 -17.49 23.65 -9.69
CA ILE D 39 -18.07 22.92 -10.81
C ILE D 39 -18.17 21.43 -10.49
N LEU D 40 -17.07 20.87 -10.00
CA LEU D 40 -17.00 19.45 -9.68
C LEU D 40 -17.99 19.07 -8.59
N SER D 41 -18.15 19.94 -7.60
CA SER D 41 -19.07 19.66 -6.50
C SER D 41 -20.51 19.65 -7.01
N LEU D 42 -20.85 20.68 -7.76
CA LEU D 42 -22.21 20.79 -8.30
C LEU D 42 -22.52 19.62 -9.22
N LEU D 43 -21.54 19.23 -10.02
CA LEU D 43 -21.76 18.17 -11.00
C LEU D 43 -21.82 16.81 -10.31
N HIS D 44 -21.06 16.67 -9.22
CA HIS D 44 -21.11 15.46 -8.41
C HIS D 44 -22.52 15.30 -7.86
N GLY D 45 -23.10 16.40 -7.37
CA GLY D 45 -24.43 16.29 -6.80
C GLY D 45 -25.52 16.18 -7.86
N ASP D 46 -25.34 16.89 -8.98
CA ASP D 46 -26.30 16.84 -10.07
C ASP D 46 -25.61 16.61 -11.42
N ALA D 47 -25.42 15.36 -11.80
CA ALA D 47 -24.79 15.07 -13.09
C ALA D 47 -25.62 15.61 -14.26
N ARG D 48 -26.89 15.85 -14.02
CA ARG D 48 -27.80 16.25 -15.10
C ARG D 48 -28.07 17.74 -15.08
N MET D 49 -27.32 18.48 -14.27
CA MET D 49 -27.51 19.91 -14.16
C MET D 49 -27.24 20.64 -15.48
N PRO D 50 -28.21 21.43 -15.95
CA PRO D 50 -28.08 22.15 -17.22
C PRO D 50 -26.91 23.12 -17.15
N ASN D 51 -26.22 23.32 -18.27
CA ASN D 51 -25.02 24.13 -18.29
C ASN D 51 -25.20 25.58 -17.89
N ASN D 52 -26.30 26.19 -18.35
CA ASN D 52 -26.56 27.58 -18.04
C ASN D 52 -26.82 27.76 -16.54
N ALA D 53 -27.54 26.82 -15.95
CA ALA D 53 -27.80 26.84 -14.52
C ALA D 53 -26.49 26.61 -13.77
N LEU D 54 -25.66 25.72 -14.33
CA LEU D 54 -24.37 25.41 -13.73
C LEU D 54 -23.42 26.58 -13.87
N ASP D 56 -23.19 29.78 -14.14
CA ASP D 56 -23.89 30.88 -13.48
C ASP D 56 -23.85 30.71 -11.97
N THR D 57 -24.13 29.50 -11.51
CA THR D 57 -24.07 29.18 -10.08
C THR D 57 -22.64 29.35 -9.60
N VAL D 58 -21.71 29.07 -10.50
CA VAL D 58 -20.28 29.21 -10.25
C VAL D 58 -19.83 30.66 -10.49
N GLY D 59 -20.66 31.41 -11.20
CA GLY D 59 -20.38 32.80 -11.50
C GLY D 59 -19.61 32.98 -12.80
N ILE D 60 -19.81 32.07 -13.74
CA ILE D 60 -19.16 32.17 -15.04
C ILE D 60 -20.22 32.25 -16.14
N ALA D 61 -19.75 32.46 -17.37
CA ALA D 61 -20.61 32.45 -18.54
C ALA D 61 -20.69 31.02 -19.04
N PRO D 62 -21.82 30.62 -19.63
CA PRO D 62 -22.02 29.25 -20.12
C PRO D 62 -20.91 28.77 -21.07
N SER D 63 -20.42 29.63 -21.94
CA SER D 63 -19.34 29.26 -22.87
C SER D 63 -18.06 28.88 -22.12
N THR D 64 -17.70 29.72 -21.15
CA THR D 64 -16.49 29.49 -20.37
C THR D 64 -16.67 28.22 -19.57
N CYS D 65 -17.91 27.96 -19.15
CA CYS D 65 -18.25 26.76 -18.40
C CYS D 65 -18.01 25.55 -19.28
N HIS D 66 -18.41 25.65 -20.55
CA HIS D 66 -18.18 24.58 -21.51
C HIS D 66 -16.70 24.32 -21.69
N GLY D 67 -15.92 25.38 -21.78
CA GLY D 67 -14.48 25.25 -21.92
C GLY D 67 -13.85 24.58 -20.72
N ARG D 68 -14.32 24.93 -19.54
CA ARG D 68 -13.79 24.38 -18.30
C ARG D 68 -14.15 22.91 -18.10
N VAL D 69 -15.40 22.55 -18.35
CA VAL D 69 -15.80 21.16 -18.23
C VAL D 69 -15.10 20.31 -19.29
N ARG D 70 -14.99 20.85 -20.50
CA ARG D 70 -14.28 20.15 -21.57
C ARG D 70 -12.83 19.92 -21.14
N ARG D 71 -12.24 20.93 -20.50
CA ARG D 71 -10.89 20.79 -19.96
C ARG D 71 -10.84 19.67 -18.93
N LEU D 72 -11.78 19.68 -17.99
CA LEU D 72 -11.82 18.71 -16.91
C LEU D 72 -11.90 17.28 -17.44
N VAL D 73 -12.71 17.08 -18.48
CA VAL D 73 -12.81 15.79 -19.10
C VAL D 73 -11.50 15.45 -19.82
N ASP D 74 -10.89 16.44 -20.46
CA ASP D 74 -9.63 16.20 -21.17
C ASP D 74 -8.51 15.77 -20.23
N LEU D 75 -8.42 16.44 -19.09
CA LEU D 75 -7.39 16.17 -18.09
C LEU D 75 -7.63 14.87 -17.33
N GLY D 76 -8.85 14.34 -17.45
CA GLY D 76 -9.22 13.12 -16.76
C GLY D 76 -9.77 13.37 -15.37
N VAL D 77 -9.93 14.63 -15.01
CA VAL D 77 -10.50 14.99 -13.71
C VAL D 77 -11.95 14.53 -13.65
N ILE D 78 -12.66 14.72 -14.76
CA ILE D 78 -13.97 14.13 -14.93
C ILE D 78 -13.78 12.99 -15.92
N ARG D 79 -13.98 11.78 -15.43
CA ARG D 79 -13.74 10.61 -16.24
C ARG D 79 -14.95 10.29 -17.11
N GLY D 80 -16.13 10.71 -16.65
CA GLY D 80 -17.34 10.57 -17.43
C GLY D 80 -18.61 10.80 -16.64
N PHE D 81 -19.74 10.75 -17.32
CA PHE D 81 -21.04 10.86 -16.67
C PHE D 81 -21.77 9.55 -16.90
N TYR D 82 -22.30 8.95 -15.85
CA TYR D 82 -22.92 7.64 -15.99
C TYR D 82 -24.31 7.56 -15.35
N THR D 83 -25.12 6.64 -15.87
CA THR D 83 -26.42 6.31 -15.29
C THR D 83 -26.32 4.96 -14.59
N ASP D 84 -26.89 4.87 -13.40
CA ASP D 84 -26.88 3.62 -12.64
C ASP D 84 -28.08 2.75 -13.03
N ILE D 85 -27.85 1.82 -13.96
CA ILE D 85 -28.89 0.89 -14.38
C ILE D 85 -28.96 -0.30 -13.43
N ASP D 86 -30.11 -0.94 -13.36
CA ASP D 86 -30.31 -2.08 -12.47
C ASP D 86 -29.58 -3.34 -12.94
N PRO D 87 -29.20 -3.34 -14.23
CA PRO D 87 -28.54 -4.48 -14.87
C PRO D 87 -29.39 -5.77 -14.94
N VAL D 88 -30.19 -6.02 -13.92
CA VAL D 88 -31.03 -7.22 -13.90
C VAL D 88 -32.17 -7.11 -14.92
N ALA D 89 -32.34 -5.91 -15.48
CA ALA D 89 -33.35 -5.62 -16.49
C ALA D 89 -33.21 -4.19 -17.01
N VAL D 90 -32.29 -3.94 -17.93
CA VAL D 90 -31.34 -4.94 -18.43
C VAL D 90 -30.03 -4.24 -18.78
N PRO D 93 -25.19 -6.69 -20.24
CA PRO D 93 -24.03 -7.30 -20.88
C PRO D 93 -23.35 -8.31 -19.95
N LEU D 94 -22.19 -8.81 -20.37
CA LEU D 94 -21.40 -9.72 -19.55
C LEU D 94 -20.15 -8.99 -19.12
N GLN D 95 -19.89 -8.95 -17.81
CA GLN D 95 -18.74 -8.20 -17.34
C GLN D 95 -17.72 -9.13 -16.68
N ALA D 96 -16.44 -8.80 -16.84
CA ALA D 96 -15.36 -9.62 -16.27
C ALA D 96 -14.17 -8.77 -15.80
N MET D 97 -13.35 -9.38 -14.94
CA MET D 97 -12.13 -8.80 -14.41
C MET D 97 -10.98 -9.70 -14.79
N ILE D 98 -10.05 -9.20 -15.59
CA ILE D 98 -8.94 -10.02 -16.05
C ILE D 98 -7.64 -9.51 -15.45
N SER D 99 -7.01 -10.30 -14.59
CA SER D 99 -5.73 -9.91 -14.02
C SER D 99 -4.62 -10.34 -14.97
N VAL D 100 -3.80 -9.39 -15.39
CA VAL D 100 -2.77 -9.68 -16.40
C VAL D 100 -1.36 -9.61 -15.83
N ASN D 101 -0.59 -10.66 -16.08
CA ASN D 101 0.81 -10.73 -15.73
C ASN D 101 1.67 -10.65 -16.99
N LEU D 102 2.65 -9.75 -16.99
CA LEU D 102 3.52 -9.55 -18.15
C LEU D 102 4.85 -10.28 -17.96
N GLN D 103 5.59 -10.41 -19.06
CA GLN D 103 6.93 -10.98 -19.02
C GLN D 103 7.90 -9.99 -18.40
N SER D 104 8.93 -10.50 -17.74
CA SER D 104 9.91 -9.66 -17.05
C SER D 104 10.54 -8.63 -18.00
N SER D 105 10.63 -8.99 -19.28
CA SER D 105 11.28 -8.14 -20.27
C SER D 105 10.30 -7.11 -20.84
N ALA D 106 9.01 -7.42 -20.82
CA ALA D 106 8.01 -6.54 -21.42
C ALA D 106 7.54 -5.44 -20.47
N ARG D 107 7.92 -5.53 -19.20
CA ARG D 107 7.46 -4.59 -18.19
C ARG D 107 7.84 -3.15 -18.50
N GLY D 108 9.01 -2.96 -19.09
CA GLY D 108 9.47 -1.62 -19.46
C GLY D 108 8.53 -0.95 -20.44
N LYS D 109 7.79 -1.76 -21.20
CA LYS D 109 6.87 -1.23 -22.21
C LYS D 109 5.44 -1.16 -21.72
N ILE D 110 5.22 -1.33 -20.41
CA ILE D 110 3.87 -1.44 -19.86
C ILE D 110 2.93 -0.35 -20.35
N ARG D 111 3.40 0.88 -20.34
CA ARG D 111 2.58 2.02 -20.74
C ARG D 111 2.05 1.76 -22.14
N SER D 112 2.97 1.50 -23.07
CA SER D 112 2.62 1.23 -24.46
C SER D 112 1.53 0.17 -24.51
N PHE D 113 1.75 -0.91 -23.77
CA PHE D 113 0.82 -2.03 -23.80
C PHE D 113 -0.57 -1.57 -23.44
N ILE D 114 -0.65 -0.83 -22.33
CA ILE D 114 -1.93 -0.33 -21.87
C ILE D 114 -2.57 0.52 -22.95
N GLN D 115 -1.77 1.38 -23.56
CA GLN D 115 -2.28 2.28 -24.60
C GLN D 115 -2.97 1.47 -25.69
N GLN D 116 -2.40 0.32 -26.03
CA GLN D 116 -2.99 -0.48 -27.09
C GLN D 116 -4.24 -1.19 -26.60
N ILE D 117 -4.23 -1.65 -25.35
CA ILE D 117 -5.32 -2.48 -24.87
C ILE D 117 -6.56 -1.63 -24.69
N ARG D 118 -6.36 -0.36 -24.39
CA ARG D 118 -7.45 0.58 -24.21
C ARG D 118 -8.17 0.82 -25.53
N ARG D 119 -7.48 0.57 -26.64
CA ARG D 119 -8.08 0.81 -27.96
C ARG D 119 -9.19 -0.20 -28.24
N LYS D 120 -9.25 -1.27 -27.44
CA LYS D 120 -10.31 -2.26 -27.55
C LYS D 120 -11.59 -1.75 -26.89
N ARG D 121 -12.72 -2.00 -27.53
CA ARG D 121 -14.01 -1.49 -27.08
C ARG D 121 -14.42 -2.12 -25.75
N GLN D 122 -14.02 -3.37 -25.56
CA GLN D 122 -14.45 -4.15 -24.41
C GLN D 122 -13.88 -3.64 -23.10
N VAL D 123 -12.64 -3.14 -23.13
CA VAL D 123 -11.97 -2.66 -21.93
C VAL D 123 -12.65 -1.41 -21.38
N MET D 124 -13.09 -1.46 -20.13
CA MET D 124 -13.70 -0.28 -19.51
C MET D 124 -12.74 0.33 -18.50
N ASP D 125 -12.12 -0.51 -17.66
CA ASP D 125 -11.22 0.01 -16.63
C ASP D 125 -9.84 -0.63 -16.70
N VAL D 126 -8.83 0.13 -16.32
CA VAL D 126 -7.49 -0.42 -16.14
C VAL D 126 -6.94 -0.03 -14.76
N TYR D 127 -6.57 -1.02 -13.97
CA TYR D 127 -5.99 -0.79 -12.65
C TYR D 127 -4.53 -1.22 -12.67
N PHE D 128 -3.64 -0.33 -12.25
CA PHE D 128 -2.24 -0.70 -12.09
C PHE D 128 -1.98 -1.11 -10.65
N LEU D 129 -1.30 -2.24 -10.49
CA LEU D 129 -1.14 -2.82 -9.17
C LEU D 129 0.33 -2.93 -8.78
N ALA D 130 0.55 -3.32 -7.53
CA ALA D 130 1.91 -3.50 -7.02
C ALA D 130 2.21 -4.98 -6.79
N GLY D 131 1.16 -5.79 -6.73
CA GLY D 131 1.29 -7.22 -6.47
C GLY D 131 1.90 -8.05 -7.58
N ALA D 132 1.57 -9.34 -7.59
CA ALA D 132 2.16 -10.27 -8.55
C ALA D 132 1.69 -9.98 -9.97
N ASP D 133 0.45 -9.51 -10.09
CA ASP D 133 -0.09 -9.18 -11.40
C ASP D 133 0.22 -7.72 -11.72
N ASP D 134 0.54 -7.46 -12.97
CA ASP D 134 0.90 -6.12 -13.40
C ASP D 134 -0.28 -5.15 -13.43
N PHE D 135 -1.41 -5.63 -13.95
CA PHE D 135 -2.62 -4.80 -13.99
C PHE D 135 -3.90 -5.62 -14.15
N ILE D 136 -5.05 -5.00 -13.85
CA ILE D 136 -6.35 -5.64 -14.00
C ILE D 136 -7.20 -4.88 -15.00
N LEU D 137 -7.91 -5.63 -15.84
CA LEU D 137 -8.72 -5.08 -16.90
C LEU D 137 -10.17 -5.36 -16.58
N HIS D 138 -10.98 -4.31 -16.39
CA HIS D 138 -12.41 -4.50 -16.26
C HIS D 138 -13.01 -4.38 -17.64
N VAL D 139 -13.58 -5.48 -18.13
CA VAL D 139 -14.06 -5.60 -19.49
C VAL D 139 -15.52 -6.05 -19.61
N ALA D 140 -16.09 -5.77 -20.78
CA ALA D 140 -17.45 -6.20 -21.10
C ALA D 140 -17.45 -7.00 -22.40
N ALA D 141 -18.28 -8.04 -22.46
CA ALA D 141 -18.40 -8.89 -23.63
C ALA D 141 -19.86 -9.28 -23.84
N ARG D 142 -20.20 -9.66 -25.06
CA ARG D 142 -21.58 -10.02 -25.37
C ARG D 142 -21.94 -11.35 -24.74
N ASP D 143 -21.06 -12.33 -24.90
CA ASP D 143 -21.26 -13.65 -24.32
C ASP D 143 -19.93 -14.25 -23.88
N THR D 144 -19.96 -15.50 -23.47
CA THR D 144 -18.74 -16.19 -23.02
C THR D 144 -17.77 -16.34 -24.18
N GLU D 145 -18.30 -16.49 -25.39
CA GLU D 145 -17.47 -16.65 -26.57
C GLU D 145 -16.76 -15.34 -26.90
N ASP D 146 -17.46 -14.23 -26.70
CA ASP D 146 -16.91 -12.92 -26.96
C ASP D 146 -15.75 -12.67 -26.01
N LEU D 147 -15.95 -13.02 -24.74
CA LEU D 147 -14.92 -12.90 -23.71
C LEU D 147 -13.71 -13.77 -24.02
N ARG D 148 -13.96 -15.04 -24.33
CA ARG D 148 -12.91 -16.01 -24.65
C ARG D 148 -12.07 -15.52 -25.82
N SER D 149 -12.76 -14.98 -26.82
CA SER D 149 -12.13 -14.49 -28.02
C SER D 149 -11.28 -13.28 -27.67
N PHE D 150 -11.80 -12.43 -26.79
CA PHE D 150 -11.05 -11.27 -26.35
C PHE D 150 -9.75 -11.68 -25.68
N VAL D 151 -9.85 -12.57 -24.70
CA VAL D 151 -8.69 -13.03 -23.95
C VAL D 151 -7.66 -13.69 -24.86
N VAL D 152 -8.13 -14.48 -25.80
CA VAL D 152 -7.23 -15.15 -26.76
C VAL D 152 -6.55 -14.19 -27.72
N GLU D 153 -7.32 -13.33 -28.38
CA GLU D 153 -6.75 -12.44 -29.39
C GLU D 153 -5.94 -11.27 -28.84
N ASN D 154 -6.38 -10.72 -27.71
CA ASN D 154 -5.76 -9.50 -27.19
C ASN D 154 -4.72 -9.73 -26.10
N LEU D 155 -4.86 -10.83 -25.36
CA LEU D 155 -3.92 -11.13 -24.29
C LEU D 155 -3.09 -12.39 -24.54
N ASN D 156 -3.76 -13.55 -24.57
CA ASN D 156 -3.07 -14.84 -24.65
C ASN D 156 -2.11 -14.96 -25.83
N ALA D 157 -2.41 -14.27 -26.92
CA ALA D 157 -1.56 -14.30 -28.10
C ALA D 157 -0.65 -13.08 -28.15
N ASP D 158 0.08 -12.83 -27.06
CA ASP D 158 0.96 -11.66 -27.01
C ASP D 158 2.12 -11.91 -26.04
N ALA D 159 2.97 -10.91 -25.87
CA ALA D 159 4.10 -11.02 -24.95
C ALA D 159 3.71 -10.64 -23.52
N ASP D 160 2.76 -11.38 -22.96
CA ASP D 160 2.42 -11.29 -21.55
C ASP D 160 2.35 -12.69 -20.95
N VAL D 161 2.91 -12.85 -19.76
CA VAL D 161 3.07 -14.17 -19.15
C VAL D 161 1.75 -14.91 -18.97
N ALA D 162 0.76 -14.27 -18.36
CA ALA D 162 -0.51 -14.96 -18.10
C ALA D 162 -1.67 -14.04 -17.79
N GLY D 163 -2.86 -14.62 -17.64
CA GLY D 163 -4.04 -13.89 -17.24
C GLY D 163 -5.05 -14.73 -16.47
N THR D 164 -5.75 -14.10 -15.54
CA THR D 164 -6.81 -14.78 -14.80
C THR D 164 -8.12 -14.03 -14.96
N GLN D 165 -9.09 -14.65 -15.64
CA GLN D 165 -10.37 -14.00 -15.86
C GLN D 165 -11.39 -14.46 -14.83
N THR D 166 -12.02 -13.48 -14.20
CA THR D 166 -12.99 -13.75 -13.17
C THR D 166 -14.29 -13.08 -13.59
N SER D 167 -15.42 -13.71 -13.34
CA SER D 167 -16.69 -13.14 -13.79
C SER D 167 -17.18 -12.05 -12.85
N LEU D 168 -17.57 -10.91 -13.43
CA LEU D 168 -18.23 -9.87 -12.63
C LEU D 168 -19.71 -10.14 -12.52
N ILE D 169 -20.11 -10.27 -11.27
CA ILE D 169 -21.48 -10.55 -10.89
C ILE D 169 -22.23 -9.25 -10.62
N PHE D 170 -21.55 -8.30 -10.01
CA PHE D 170 -22.18 -7.05 -9.63
C PHE D 170 -21.15 -5.92 -9.68
N GLU D 171 -21.62 -4.71 -9.97
CA GLU D 171 -20.80 -3.50 -9.87
C GLU D 171 -21.59 -2.45 -9.12
N HIS D 172 -20.92 -1.73 -8.23
CA HIS D 172 -21.55 -0.68 -7.44
C HIS D 172 -20.65 0.54 -7.34
N LEU D 173 -21.28 1.68 -7.08
CA LEU D 173 -20.56 2.92 -6.82
C LEU D 173 -21.01 3.38 -5.44
N ARG D 174 -20.22 4.24 -4.81
CA ARG D 174 -20.52 4.68 -3.44
C ARG D 174 -21.46 5.88 -3.39
N GLY D 175 -22.49 5.78 -2.55
CA GLY D 175 -23.41 6.88 -2.36
C GLY D 175 -22.93 7.80 -1.25
N ALA D 176 -21.75 8.39 -1.46
CA ALA D 176 -21.18 9.32 -0.50
C ALA D 176 -21.04 10.69 -1.13
N ALA D 177 -21.36 11.74 -0.37
CA ALA D 177 -21.32 13.10 -0.89
C ALA D 177 -19.88 13.62 -0.97
N PRO D 178 -19.49 14.09 -2.15
CA PRO D 178 -18.13 14.57 -2.38
C PRO D 178 -18.14 15.91 -3.10
#